data_5RPA
#
_entry.id   5RPA
#
_cell.length_a   67.860
_cell.length_b   67.860
_cell.length_c   102.240
_cell.angle_alpha   90.000
_cell.angle_beta   90.000
_cell.angle_gamma   90.000
#
_symmetry.space_group_name_H-M   'P 43 21 2'
#
loop_
_entity.id
_entity.type
_entity.pdbx_description
1 polymer 'Proteinase K'
2 non-polymer 'SULFATE ION'
3 non-polymer 3-[(4E)-4-imino-5,6-dimethylfuro[2,3-d]pyrimidin-3(4H)-yl]-N,N-dimethylpropan-1-amine
4 water water
#
_entity_poly.entity_id   1
_entity_poly.type   'polypeptide(L)'
_entity_poly.pdbx_seq_one_letter_code
;AAQTNAPWGLARISSTSPGTSTYYYDESAGQGSCVYVIDTGIEASHPEFEGRAQMVKTYYYSSRDGNGHGTHCAGTVGSR
TYGVAKKTQLFGVKVLDDNGSGQYSTIIAGMDFVASDKNNRNCPKGVVASLSLGGGYSSSVNSAAARLQSSGVMVAVAAG
NNNADARNYSPASEPSVCTVGASDRYDRRSSFSNYGSVLDIFGPGTDILSTWIGGSTRSISGTSMATPHVAGLAAYLMTL
GKTTAASACRYIADTANKGDLSNIPFGTVNLLAYNNYQA
;
_entity_poly.pdbx_strand_id   A
#
loop_
_chem_comp.id
_chem_comp.type
_chem_comp.name
_chem_comp.formula
47Y non-polymer 3-[(4E)-4-imino-5,6-dimethylfuro[2,3-d]pyrimidin-3(4H)-yl]-N,N-dimethylpropan-1-amine 'C13 H20 N4 O'
SO4 non-polymer 'SULFATE ION' 'O4 S -2'
#
# COMPACT_ATOMS: atom_id res chain seq x y z
N ALA A 1 -4.00 13.36 16.71
CA ALA A 1 -5.40 13.06 16.42
C ALA A 1 -5.69 11.61 16.77
N ALA A 2 -6.94 11.33 17.12
CA ALA A 2 -7.38 10.01 17.52
C ALA A 2 -8.68 9.69 16.78
N GLN A 3 -8.72 8.51 16.15
CA GLN A 3 -9.92 7.99 15.52
C GLN A 3 -10.37 6.78 16.33
N THR A 4 -11.47 6.93 17.05
CA THR A 4 -11.98 5.84 17.88
C THR A 4 -12.63 4.76 17.01
N ASN A 5 -12.63 3.53 17.53
CA ASN A 5 -13.25 2.38 16.86
C ASN A 5 -12.80 2.29 15.39
N ALA A 6 -11.50 2.41 15.19
CA ALA A 6 -10.93 2.35 13.85
C ALA A 6 -10.80 0.89 13.42
N PRO A 7 -10.66 0.62 12.13
CA PRO A 7 -10.30 -0.74 11.71
C PRO A 7 -9.04 -1.19 12.43
N TRP A 8 -8.97 -2.49 12.73
CA TRP A 8 -7.88 -2.97 13.59
C TRP A 8 -6.51 -2.64 12.99
N GLY A 9 -6.39 -2.66 11.67
CA GLY A 9 -5.09 -2.43 11.05
C GLY A 9 -4.58 -1.02 11.25
N LEU A 10 -5.47 -0.03 11.20
CA LEU A 10 -5.07 1.34 11.50
C LEU A 10 -4.63 1.45 12.95
N ALA A 11 -5.41 0.89 13.87
CA ALA A 11 -5.00 0.91 15.27
C ALA A 11 -3.65 0.22 15.44
N ARG A 12 -3.42 -0.87 14.71
CA ARG A 12 -2.19 -1.62 14.88
C ARG A 12 -0.98 -0.80 14.46
N ILE A 13 -1.08 -0.07 13.36
CA ILE A 13 0.07 0.68 12.87
C ILE A 13 0.43 1.87 13.74
N SER A 14 -0.44 2.28 14.66
CA SER A 14 -0.07 3.33 15.60
C SER A 14 0.13 2.81 17.02
N SER A 15 0.32 1.52 17.19
CA SER A 15 0.43 0.93 18.52
C SER A 15 1.68 0.06 18.66
N THR A 16 2.25 0.08 19.86
CA THR A 16 3.29 -0.88 20.22
C THR A 16 2.72 -2.22 20.68
N SER A 17 1.41 -2.39 20.72
CA SER A 17 0.78 -3.64 21.16
C SER A 17 -0.42 -3.97 20.29
N PRO A 18 -0.68 -5.24 20.05
CA PRO A 18 -1.95 -5.64 19.44
C PRO A 18 -3.09 -5.43 20.42
N GLY A 19 -4.31 -5.52 19.90
CA GLY A 19 -5.48 -5.54 20.75
C GLY A 19 -6.06 -4.19 21.13
N THR A 20 -5.72 -3.13 20.41
CA THR A 20 -6.33 -1.82 20.65
C THR A 20 -7.14 -1.42 19.43
N SER A 21 -7.98 -0.38 19.59
CA SER A 21 -8.94 -0.05 18.56
C SER A 21 -8.98 1.43 18.16
N THR A 22 -8.09 2.25 18.69
CA THR A 22 -8.00 3.66 18.31
C THR A 22 -6.78 3.87 17.44
N TYR A 23 -6.94 4.60 16.35
CA TYR A 23 -5.83 4.99 15.49
C TYR A 23 -5.36 6.39 15.86
N TYR A 24 -4.07 6.52 16.16
CA TYR A 24 -3.48 7.81 16.54
C TYR A 24 -2.51 8.26 15.45
N TYR A 25 -2.61 9.53 15.05
CA TYR A 25 -1.79 10.02 13.95
C TYR A 25 -1.72 11.54 14.01
N ASP A 26 -0.64 12.09 13.47
CA ASP A 26 -0.52 13.53 13.37
C ASP A 26 -1.55 14.07 12.38
N GLU A 27 -2.19 15.18 12.75
CA GLU A 27 -3.31 15.71 11.98
C GLU A 27 -2.91 16.14 10.57
N SER A 28 -1.61 16.32 10.30
CA SER A 28 -1.20 16.63 8.94
C SER A 28 -1.69 15.57 7.95
N ALA A 29 -1.70 14.29 8.37
CA ALA A 29 -2.46 13.24 7.68
C ALA A 29 -2.08 13.06 6.21
N GLY A 30 -0.80 13.26 5.87
CA GLY A 30 -0.39 13.11 4.49
C GLY A 30 -0.78 14.24 3.56
N GLN A 31 -1.24 15.37 4.08
CA GLN A 31 -1.55 16.51 3.22
C GLN A 31 -0.32 16.90 2.42
N GLY A 32 -0.52 17.16 1.12
CA GLY A 32 0.57 17.60 0.27
C GLY A 32 1.36 16.46 -0.37
N SER A 33 1.06 15.22 -0.01
CA SER A 33 1.63 14.05 -0.66
C SER A 33 0.64 13.50 -1.69
N CYS A 34 1.11 12.56 -2.49
CA CYS A 34 0.27 11.90 -3.49
C CYS A 34 0.59 10.41 -3.47
N VAL A 35 -0.45 9.60 -3.61
CA VAL A 35 -0.30 8.15 -3.71
C VAL A 35 -1.01 7.67 -4.96
N TYR A 36 -0.26 7.01 -5.84
CA TYR A 36 -0.83 6.34 -7.00
C TYR A 36 -1.18 4.91 -6.62
N VAL A 37 -2.40 4.51 -6.94
CA VAL A 37 -2.88 3.16 -6.69
C VAL A 37 -3.00 2.50 -8.06
N ILE A 38 -2.11 1.57 -8.35
CA ILE A 38 -1.98 0.96 -9.67
C ILE A 38 -2.68 -0.38 -9.56
N ASP A 39 -3.87 -0.49 -10.14
CA ASP A 39 -4.77 -1.58 -9.75
C ASP A 39 -5.96 -1.66 -10.71
N THR A 40 -7.15 -2.02 -10.21
CA THR A 40 -8.36 -2.10 -11.03
C THR A 40 -9.08 -0.76 -11.18
N GLY A 41 -8.51 0.33 -10.69
CA GLY A 41 -9.17 1.62 -10.67
C GLY A 41 -9.56 2.03 -9.27
N ILE A 42 -10.20 3.20 -9.17
CA ILE A 42 -10.70 3.74 -7.92
C ILE A 42 -12.06 4.36 -8.20
N GLU A 43 -13.07 3.99 -7.40
CA GLU A 43 -14.36 4.67 -7.46
C GLU A 43 -14.22 6.01 -6.76
N ALA A 44 -13.77 7.01 -7.51
CA ALA A 44 -13.44 8.30 -6.92
C ALA A 44 -14.64 9.04 -6.35
N SER A 45 -15.86 8.72 -6.82
CA SER A 45 -17.06 9.36 -6.32
C SER A 45 -17.46 8.85 -4.94
N HIS A 46 -16.78 7.84 -4.40
CA HIS A 46 -17.14 7.32 -3.08
C HIS A 46 -17.04 8.45 -2.04
N PRO A 47 -18.08 8.69 -1.24
CA PRO A 47 -18.00 9.75 -0.22
C PRO A 47 -16.76 9.67 0.65
N GLU A 48 -16.23 8.46 0.87
CA GLU A 48 -15.05 8.29 1.72
C GLU A 48 -13.81 8.97 1.17
N PHE A 49 -13.76 9.30 -0.12
CA PHE A 49 -12.58 9.94 -0.68
C PHE A 49 -12.64 11.46 -0.67
N GLU A 50 -13.83 12.04 -0.48
CA GLU A 50 -13.99 13.48 -0.22
C GLU A 50 -13.44 14.35 -1.34
N GLY A 51 -13.47 13.88 -2.58
CA GLY A 51 -12.93 14.65 -3.67
C GLY A 51 -11.42 14.58 -3.84
N ARG A 52 -10.71 13.83 -2.99
CA ARG A 52 -9.26 13.71 -3.04
C ARG A 52 -8.78 12.59 -3.96
N ALA A 53 -9.68 11.80 -4.55
CA ALA A 53 -9.28 10.74 -5.48
C ALA A 53 -9.65 11.11 -6.90
N GLN A 54 -8.84 10.67 -7.85
CA GLN A 54 -9.20 10.82 -9.24
C GLN A 54 -8.50 9.77 -10.06
N MET A 55 -9.18 9.32 -11.11
CA MET A 55 -8.55 8.45 -12.09
C MET A 55 -7.72 9.30 -13.04
N VAL A 56 -6.49 8.85 -13.32
CA VAL A 56 -5.62 9.55 -14.25
C VAL A 56 -5.22 8.73 -15.46
N LYS A 57 -5.42 7.41 -15.46
CA LYS A 57 -5.02 6.59 -16.60
C LYS A 57 -5.75 5.26 -16.54
N THR A 58 -6.16 4.77 -17.71
CA THR A 58 -6.66 3.42 -17.86
C THR A 58 -6.12 2.85 -19.16
N TYR A 59 -6.03 1.52 -19.20
CA TYR A 59 -5.62 0.81 -20.41
C TYR A 59 -6.77 0.01 -21.00
N TYR A 60 -7.99 0.26 -20.53
CA TYR A 60 -9.17 -0.50 -20.89
C TYR A 60 -10.24 0.47 -21.36
N TYR A 61 -11.37 -0.08 -21.81
CA TYR A 61 -12.40 0.77 -22.40
C TYR A 61 -12.96 1.78 -21.41
N SER A 62 -12.82 1.54 -20.11
CA SER A 62 -13.29 2.47 -19.09
C SER A 62 -12.24 2.62 -18.00
N SER A 63 -12.31 3.73 -17.29
CA SER A 63 -11.53 3.98 -16.09
C SER A 63 -12.25 3.56 -14.82
N ARG A 64 -13.49 3.08 -14.94
CA ARG A 64 -14.26 2.65 -13.79
C ARG A 64 -13.67 1.39 -13.16
N ASP A 65 -13.67 1.36 -11.83
CA ASP A 65 -13.35 0.13 -11.09
C ASP A 65 -14.60 -0.73 -11.07
N GLY A 66 -14.64 -1.74 -11.95
CA GLY A 66 -15.73 -2.70 -11.96
C GLY A 66 -15.48 -3.91 -11.09
N ASN A 67 -14.40 -3.92 -10.33
CA ASN A 67 -14.04 -5.04 -9.48
C ASN A 67 -14.22 -4.74 -8.00
N GLY A 68 -13.61 -3.66 -7.52
CA GLY A 68 -13.63 -3.28 -6.12
C GLY A 68 -12.26 -3.31 -5.48
N HIS A 69 -11.37 -4.18 -5.96
CA HIS A 69 -10.06 -4.36 -5.33
C HIS A 69 -9.29 -3.04 -5.27
N GLY A 70 -9.21 -2.32 -6.38
CA GLY A 70 -8.49 -1.06 -6.38
C GLY A 70 -9.10 -0.03 -5.44
N THR A 71 -10.42 0.03 -5.39
CA THR A 71 -11.11 0.95 -4.49
C THR A 71 -10.83 0.61 -3.03
N HIS A 72 -10.77 -0.69 -2.72
CA HIS A 72 -10.46 -1.13 -1.36
C HIS A 72 -9.05 -0.71 -0.97
N CYS A 73 -8.08 -0.95 -1.86
CA CYS A 73 -6.69 -0.60 -1.57
C CYS A 73 -6.56 0.92 -1.42
N ALA A 74 -7.19 1.69 -2.33
CA ALA A 74 -7.16 3.14 -2.21
C ALA A 74 -7.76 3.61 -0.90
N GLY A 75 -8.82 2.94 -0.45
CA GLY A 75 -9.43 3.30 0.82
C GLY A 75 -8.49 3.11 2.00
N THR A 76 -7.67 2.05 1.96
CA THR A 76 -6.72 1.83 3.05
C THR A 76 -5.59 2.86 3.00
N VAL A 77 -5.20 3.30 1.81
CA VAL A 77 -4.22 4.39 1.72
C VAL A 77 -4.78 5.66 2.34
N GLY A 78 -5.98 6.08 1.92
CA GLY A 78 -6.37 7.46 2.11
C GLY A 78 -7.84 7.80 2.28
N SER A 79 -8.73 6.84 2.49
CA SER A 79 -10.11 7.22 2.79
C SER A 79 -10.21 7.86 4.16
N ARG A 80 -11.27 8.66 4.35
CA ARG A 80 -11.43 9.37 5.62
C ARG A 80 -11.55 8.41 6.80
N THR A 81 -12.32 7.34 6.67
CA THR A 81 -12.53 6.42 7.78
C THR A 81 -11.54 5.27 7.79
N TYR A 82 -11.22 4.73 6.61
CA TYR A 82 -10.47 3.48 6.53
C TYR A 82 -9.01 3.68 6.18
N GLY A 83 -8.57 4.93 6.02
CA GLY A 83 -7.26 5.22 5.46
C GLY A 83 -6.22 5.64 6.48
N VAL A 84 -4.97 5.32 6.14
CA VAL A 84 -3.81 5.70 6.95
C VAL A 84 -3.54 7.19 6.83
N ALA A 85 -3.55 7.72 5.60
CA ALA A 85 -3.14 9.09 5.28
C ALA A 85 -4.38 9.80 4.79
N LYS A 86 -5.15 10.36 5.73
CA LYS A 86 -6.52 10.78 5.46
C LYS A 86 -6.63 12.07 4.66
N LYS A 87 -5.52 12.73 4.37
CA LYS A 87 -5.54 13.96 3.58
C LYS A 87 -4.66 13.87 2.34
N THR A 88 -4.17 12.68 1.98
CA THR A 88 -3.37 12.55 0.78
C THR A 88 -4.24 12.67 -0.47
N GLN A 89 -3.58 12.96 -1.59
CA GLN A 89 -4.22 12.92 -2.90
C GLN A 89 -4.02 11.54 -3.50
N LEU A 90 -5.08 10.93 -4.00
CA LEU A 90 -5.06 9.58 -4.56
C LEU A 90 -5.23 9.66 -6.06
N PHE A 91 -4.37 8.96 -6.79
CA PHE A 91 -4.44 8.90 -8.26
C PHE A 91 -4.57 7.44 -8.68
N GLY A 92 -5.60 7.15 -9.48
CA GLY A 92 -5.86 5.79 -9.93
C GLY A 92 -5.27 5.54 -11.31
N VAL A 93 -4.58 4.41 -11.44
CA VAL A 93 -4.03 3.94 -12.71
C VAL A 93 -4.57 2.53 -12.91
N LYS A 94 -5.46 2.35 -13.89
CA LYS A 94 -6.14 1.07 -14.06
C LYS A 94 -5.33 0.20 -15.04
N VAL A 95 -4.46 -0.64 -14.46
CA VAL A 95 -3.72 -1.64 -15.23
C VAL A 95 -4.36 -3.02 -15.19
N LEU A 96 -5.34 -3.23 -14.31
CA LEU A 96 -6.02 -4.51 -14.17
C LEU A 96 -7.46 -4.35 -14.63
N ASP A 97 -7.97 -5.34 -15.36
CA ASP A 97 -9.35 -5.33 -15.82
C ASP A 97 -10.29 -5.63 -14.65
N ASP A 98 -11.58 -5.69 -14.94
CA ASP A 98 -12.57 -5.87 -13.88
C ASP A 98 -12.60 -7.27 -13.28
N ASN A 99 -11.86 -8.22 -13.86
CA ASN A 99 -11.63 -9.50 -13.22
C ASN A 99 -10.35 -9.52 -12.41
N GLY A 100 -9.63 -8.40 -12.33
CA GLY A 100 -8.37 -8.35 -11.62
C GLY A 100 -7.18 -8.85 -12.41
N SER A 101 -7.33 -9.05 -13.71
CA SER A 101 -6.26 -9.58 -14.53
C SER A 101 -5.60 -8.46 -15.32
N GLY A 102 -4.33 -8.63 -15.63
CA GLY A 102 -3.64 -7.69 -16.50
C GLY A 102 -2.37 -8.28 -17.06
N GLN A 103 -2.06 -7.94 -18.30
CA GLN A 103 -0.80 -8.36 -18.89
C GLN A 103 0.36 -7.62 -18.26
N TYR A 104 1.49 -8.31 -18.12
CA TYR A 104 2.71 -7.64 -17.65
C TYR A 104 3.07 -6.41 -18.49
N SER A 105 2.84 -6.45 -19.80
CA SER A 105 3.15 -5.28 -20.63
C SER A 105 2.34 -4.07 -20.19
N THR A 106 1.07 -4.28 -19.83
CA THR A 106 0.22 -3.18 -19.36
C THR A 106 0.67 -2.68 -17.99
N ILE A 107 1.02 -3.61 -17.09
CA ILE A 107 1.48 -3.24 -15.76
C ILE A 107 2.76 -2.42 -15.84
N ILE A 108 3.69 -2.84 -16.72
CA ILE A 108 4.93 -2.09 -16.92
C ILE A 108 4.63 -0.70 -17.45
N ALA A 109 3.75 -0.59 -18.44
CA ALA A 109 3.37 0.72 -18.96
C ALA A 109 2.79 1.60 -17.85
N GLY A 110 1.99 1.02 -16.97
CA GLY A 110 1.42 1.80 -15.88
C GLY A 110 2.47 2.32 -14.91
N MET A 111 3.50 1.53 -14.64
CA MET A 111 4.57 2.01 -13.77
C MET A 111 5.36 3.13 -14.43
N ASP A 112 5.71 2.97 -15.71
CA ASP A 112 6.40 4.05 -16.41
C ASP A 112 5.53 5.29 -16.48
N PHE A 113 4.22 5.10 -16.62
CA PHE A 113 3.30 6.24 -16.61
C PHE A 113 3.43 7.03 -15.31
N VAL A 114 3.42 6.35 -14.17
CA VAL A 114 3.48 7.06 -12.90
C VAL A 114 4.80 7.81 -12.76
N ALA A 115 5.91 7.19 -13.20
CA ALA A 115 7.21 7.84 -13.08
C ALA A 115 7.23 9.18 -13.81
N SER A 116 6.51 9.29 -14.92
CA SER A 116 6.41 10.55 -15.65
C SER A 116 5.28 11.43 -15.12
N ASP A 117 4.10 10.84 -14.90
CA ASP A 117 2.91 11.61 -14.56
C ASP A 117 3.06 12.38 -13.26
N LYS A 118 3.88 11.90 -12.34
CA LYS A 118 4.06 12.68 -11.12
C LYS A 118 4.53 14.11 -11.40
N ASN A 119 5.17 14.35 -12.55
CA ASN A 119 5.59 15.69 -12.94
C ASN A 119 4.44 16.56 -13.43
N ASN A 120 3.25 16.00 -13.59
CA ASN A 120 2.06 16.75 -13.92
C ASN A 120 1.21 17.03 -12.69
N ARG A 121 1.67 16.63 -11.51
CA ARG A 121 0.87 16.69 -10.30
C ARG A 121 1.61 17.45 -9.22
N ASN A 122 0.83 18.06 -8.34
CA ASN A 122 1.37 18.85 -7.24
C ASN A 122 1.45 17.95 -6.01
N CYS A 123 2.66 17.54 -5.68
CA CYS A 123 2.92 16.62 -4.58
C CYS A 123 4.15 17.10 -3.84
N PRO A 124 4.09 18.29 -3.25
CA PRO A 124 5.30 18.87 -2.67
C PRO A 124 5.90 18.06 -1.54
N LYS A 125 5.10 17.24 -0.85
CA LYS A 125 5.64 16.42 0.22
C LYS A 125 6.14 15.07 -0.27
N GLY A 126 5.87 14.68 -1.50
CA GLY A 126 6.41 13.45 -2.04
C GLY A 126 5.34 12.56 -2.65
N VAL A 127 5.83 11.52 -3.33
CA VAL A 127 5.02 10.64 -4.17
C VAL A 127 5.26 9.19 -3.76
N VAL A 128 4.17 8.43 -3.68
CA VAL A 128 4.18 7.01 -3.36
C VAL A 128 3.38 6.28 -4.43
N ALA A 129 3.73 5.02 -4.68
CA ALA A 129 2.94 4.15 -5.54
C ALA A 129 2.68 2.86 -4.79
N SER A 130 1.44 2.40 -4.83
CA SER A 130 0.99 1.18 -4.17
C SER A 130 0.61 0.16 -5.24
N LEU A 131 1.29 -1.00 -5.24
CA LEU A 131 1.12 -2.03 -6.24
C LEU A 131 0.68 -3.33 -5.56
N SER A 132 -0.62 -3.49 -5.42
CA SER A 132 -1.21 -4.69 -4.84
C SER A 132 -1.51 -5.69 -5.95
N LEU A 133 -0.44 -6.18 -6.58
CA LEU A 133 -0.55 -7.04 -7.74
C LEU A 133 0.77 -7.75 -7.95
N GLY A 134 0.73 -8.76 -8.79
CA GLY A 134 1.96 -9.43 -9.22
C GLY A 134 1.66 -10.81 -9.79
N GLY A 135 2.72 -11.45 -10.23
CA GLY A 135 2.65 -12.80 -10.75
C GLY A 135 4.02 -13.41 -10.66
N GLY A 136 4.31 -14.36 -11.55
CA GLY A 136 5.59 -15.03 -11.53
C GLY A 136 6.75 -14.10 -11.88
N TYR A 137 7.96 -14.55 -11.55
CA TYR A 137 9.15 -13.72 -11.74
C TYR A 137 9.26 -13.22 -13.18
N SER A 138 9.55 -11.92 -13.32
CA SER A 138 9.84 -11.31 -14.61
C SER A 138 10.89 -10.24 -14.40
N SER A 139 12.04 -10.36 -15.06
CA SER A 139 13.04 -9.32 -14.93
C SER A 139 12.54 -7.98 -15.47
N SER A 140 11.68 -8.02 -16.49
CA SER A 140 11.18 -6.78 -17.06
C SER A 140 10.22 -6.06 -16.11
N VAL A 141 9.37 -6.82 -15.41
CA VAL A 141 8.50 -6.23 -14.40
C VAL A 141 9.31 -5.65 -13.25
N ASN A 142 10.31 -6.39 -12.78
CA ASN A 142 11.16 -5.89 -11.70
C ASN A 142 11.89 -4.62 -12.12
N SER A 143 12.40 -4.60 -13.36
CA SER A 143 13.11 -3.42 -13.85
C SER A 143 12.19 -2.21 -13.89
N ALA A 144 10.94 -2.40 -14.30
CA ALA A 144 9.98 -1.30 -14.31
C ALA A 144 9.72 -0.77 -12.90
N ALA A 145 9.59 -1.67 -11.92
CA ALA A 145 9.43 -1.22 -10.54
C ALA A 145 10.65 -0.49 -10.05
N ALA A 146 11.84 -0.99 -10.41
CA ALA A 146 13.08 -0.30 -10.04
C ALA A 146 13.17 1.08 -10.68
N ARG A 147 12.74 1.22 -11.93
CA ARG A 147 12.74 2.55 -12.56
C ARG A 147 11.80 3.49 -11.83
N LEU A 148 10.60 3.02 -11.51
CA LEU A 148 9.63 3.87 -10.82
C LEU A 148 10.20 4.38 -9.50
N GLN A 149 10.81 3.47 -8.73
CA GLN A 149 11.46 3.86 -7.47
C GLN A 149 12.57 4.88 -7.72
N SER A 150 13.46 4.58 -8.68
CA SER A 150 14.59 5.45 -8.95
C SER A 150 14.15 6.85 -9.37
N SER A 151 12.97 6.96 -10.01
CA SER A 151 12.46 8.25 -10.46
C SER A 151 12.05 9.16 -9.31
N GLY A 152 12.00 8.65 -8.08
CA GLY A 152 11.63 9.46 -6.93
C GLY A 152 10.24 9.15 -6.40
N VAL A 153 9.83 7.89 -6.49
CA VAL A 153 8.54 7.43 -6.01
C VAL A 153 8.80 6.32 -5.00
N MET A 154 8.19 6.41 -3.82
CA MET A 154 8.24 5.30 -2.87
C MET A 154 7.34 4.20 -3.38
N VAL A 155 7.92 3.08 -3.80
CA VAL A 155 7.14 1.98 -4.38
C VAL A 155 6.94 0.91 -3.31
N ALA A 156 5.68 0.64 -2.98
CA ALA A 156 5.30 -0.44 -2.07
C ALA A 156 4.61 -1.51 -2.88
N VAL A 157 5.06 -2.76 -2.76
CA VAL A 157 4.52 -3.86 -3.55
C VAL A 157 4.11 -5.01 -2.63
N ALA A 158 3.05 -5.71 -3.04
CA ALA A 158 2.60 -6.87 -2.28
C ALA A 158 3.54 -8.06 -2.45
N ALA A 159 3.79 -8.77 -1.36
CA ALA A 159 4.68 -9.93 -1.43
C ALA A 159 4.06 -11.09 -2.19
N GLY A 160 2.73 -11.19 -2.21
CA GLY A 160 2.02 -12.30 -2.82
C GLY A 160 1.39 -13.21 -1.77
N ASN A 161 0.46 -14.05 -2.22
CA ASN A 161 -0.48 -14.77 -1.37
C ASN A 161 -0.37 -16.28 -1.51
N ASN A 162 0.83 -16.81 -1.73
CA ASN A 162 0.99 -18.24 -1.99
C ASN A 162 1.68 -18.97 -0.85
N ASN A 163 1.85 -18.33 0.30
CA ASN A 163 2.60 -18.93 1.42
C ASN A 163 3.91 -19.52 0.92
N ALA A 164 4.65 -18.72 0.16
CA ALA A 164 5.86 -19.18 -0.52
C ALA A 164 6.90 -18.06 -0.48
N ASP A 165 8.11 -18.38 -0.94
CA ASP A 165 9.16 -17.38 -0.93
C ASP A 165 8.89 -16.38 -2.07
N ALA A 166 8.85 -15.10 -1.71
CA ALA A 166 8.54 -14.03 -2.65
C ALA A 166 9.63 -13.82 -3.71
N ARG A 167 10.78 -14.49 -3.59
CA ARG A 167 11.82 -14.37 -4.61
C ARG A 167 11.34 -14.80 -5.98
N ASN A 168 10.27 -15.60 -6.06
CA ASN A 168 9.77 -16.13 -7.31
C ASN A 168 8.59 -15.35 -7.87
N TYR A 169 8.36 -14.14 -7.38
CA TYR A 169 7.22 -13.34 -7.79
C TYR A 169 7.69 -11.93 -8.12
N SER A 170 6.95 -11.26 -9.00
CA SER A 170 7.29 -9.91 -9.43
C SER A 170 6.05 -9.04 -9.40
N PRO A 171 6.18 -7.76 -9.01
CA PRO A 171 7.42 -7.08 -8.66
C PRO A 171 7.94 -7.34 -7.25
N ALA A 172 7.32 -8.26 -6.49
CA ALA A 172 7.74 -8.53 -5.11
C ALA A 172 9.24 -8.75 -4.98
N SER A 173 9.86 -9.42 -5.95
CA SER A 173 11.26 -9.81 -5.82
C SER A 173 12.24 -8.72 -6.22
N GLU A 174 11.78 -7.56 -6.66
CA GLU A 174 12.71 -6.48 -6.99
C GLU A 174 13.31 -5.90 -5.72
N PRO A 175 14.63 -5.97 -5.53
CA PRO A 175 15.19 -5.58 -4.22
C PRO A 175 14.99 -4.11 -3.89
N SER A 176 14.95 -3.22 -4.87
CA SER A 176 14.99 -1.79 -4.57
C SER A 176 13.64 -1.20 -4.19
N VAL A 177 12.56 -1.96 -4.28
CA VAL A 177 11.25 -1.45 -3.84
C VAL A 177 10.97 -1.97 -2.44
N CYS A 178 9.80 -1.64 -1.90
CA CYS A 178 9.44 -2.03 -0.54
C CYS A 178 8.42 -3.16 -0.61
N THR A 179 8.86 -4.37 -0.28
CA THR A 179 8.03 -5.57 -0.43
C THR A 179 7.34 -5.89 0.89
N VAL A 180 6.01 -6.02 0.84
CA VAL A 180 5.16 -6.00 2.03
C VAL A 180 4.47 -7.34 2.21
N GLY A 181 4.72 -7.99 3.37
CA GLY A 181 3.96 -9.15 3.78
C GLY A 181 2.76 -8.78 4.64
N ALA A 182 1.92 -9.78 4.95
CA ALA A 182 0.67 -9.55 5.66
C ALA A 182 0.67 -10.22 7.03
N SER A 183 0.09 -9.53 8.01
CA SER A 183 -0.15 -10.06 9.35
C SER A 183 -1.63 -9.95 9.72
N ASP A 184 -2.00 -10.64 10.80
CA ASP A 184 -3.36 -10.63 11.32
C ASP A 184 -3.43 -9.89 12.65
N ARG A 185 -4.66 -9.80 13.18
CA ARG A 185 -4.89 -8.94 14.35
C ARG A 185 -4.31 -9.52 15.63
N TYR A 186 -3.85 -10.77 15.60
CA TYR A 186 -3.16 -11.38 16.72
C TYR A 186 -1.66 -11.42 16.52
N ASP A 187 -1.15 -10.62 15.59
CA ASP A 187 0.28 -10.51 15.32
C ASP A 187 0.87 -11.84 14.82
N ARG A 188 0.09 -12.59 14.06
CA ARG A 188 0.60 -13.76 13.37
C ARG A 188 0.79 -13.42 11.90
N ARG A 189 1.81 -14.01 11.28
CA ARG A 189 1.90 -13.92 9.83
C ARG A 189 0.61 -14.47 9.24
N SER A 190 0.02 -13.72 8.30
CA SER A 190 -1.20 -14.22 7.68
C SER A 190 -0.92 -15.56 7.00
N SER A 191 -1.91 -16.45 7.03
CA SER A 191 -1.72 -17.82 6.56
C SER A 191 -1.22 -17.88 5.13
N PHE A 192 -1.67 -16.96 4.28
CA PHE A 192 -1.35 -16.94 2.86
C PHE A 192 -0.12 -16.11 2.53
N SER A 193 0.44 -15.34 3.47
CA SER A 193 1.45 -14.36 3.11
C SER A 193 2.72 -15.02 2.61
N ASN A 194 3.23 -14.55 1.48
CA ASN A 194 4.57 -14.91 1.09
C ASN A 194 5.57 -14.37 2.11
N TYR A 195 6.79 -14.89 2.04
CA TYR A 195 7.86 -14.58 2.99
C TYR A 195 9.18 -14.59 2.23
N GLY A 196 10.29 -14.51 2.97
CA GLY A 196 11.60 -14.60 2.38
C GLY A 196 12.45 -13.37 2.66
N SER A 197 13.72 -13.49 2.28
CA SER A 197 14.67 -12.42 2.53
C SER A 197 14.33 -11.13 1.77
N VAL A 198 13.56 -11.22 0.69
CA VAL A 198 13.24 -10.00 -0.05
C VAL A 198 12.19 -9.14 0.65
N LEU A 199 11.45 -9.68 1.61
CA LEU A 199 10.47 -8.86 2.32
C LEU A 199 11.18 -7.77 3.10
N ASP A 200 10.59 -6.58 3.10
CA ASP A 200 11.09 -5.46 3.87
C ASP A 200 10.31 -5.22 5.16
N ILE A 201 9.03 -5.60 5.18
CA ILE A 201 8.12 -5.12 6.21
C ILE A 201 6.84 -5.94 6.13
N PHE A 202 6.12 -6.04 7.25
CA PHE A 202 4.77 -6.57 7.30
C PHE A 202 3.80 -5.46 7.63
N GLY A 203 2.59 -5.58 7.10
CA GLY A 203 1.48 -4.73 7.49
C GLY A 203 0.21 -5.54 7.67
N PRO A 204 -0.81 -4.93 8.27
CA PRO A 204 -2.09 -5.63 8.46
C PRO A 204 -2.69 -6.08 7.14
N GLY A 205 -3.00 -7.38 7.05
CA GLY A 205 -3.54 -7.91 5.80
C GLY A 205 -4.68 -8.91 5.92
N THR A 206 -5.02 -9.38 7.12
CA THR A 206 -6.13 -10.30 7.30
C THR A 206 -7.33 -9.55 7.86
N ASP A 207 -8.47 -9.65 7.16
CA ASP A 207 -9.73 -9.06 7.60
C ASP A 207 -9.65 -7.54 7.74
N ILE A 208 -9.42 -6.90 6.60
CA ILE A 208 -9.19 -5.46 6.52
C ILE A 208 -10.43 -4.80 5.95
N LEU A 209 -11.09 -3.96 6.75
CA LEU A 209 -12.27 -3.21 6.32
C LEU A 209 -11.84 -1.97 5.55
N SER A 210 -12.44 -1.76 4.38
CA SER A 210 -12.15 -0.58 3.58
C SER A 210 -13.32 -0.34 2.62
N THR A 211 -13.15 0.67 1.78
CA THR A 211 -14.14 1.05 0.78
C THR A 211 -14.30 -0.03 -0.30
N TRP A 212 -15.49 -0.02 -0.92
CA TRP A 212 -15.79 -0.90 -2.04
C TRP A 212 -16.64 -0.13 -3.03
N ILE A 213 -16.76 -0.70 -4.23
CA ILE A 213 -17.54 -0.05 -5.27
C ILE A 213 -19.03 -0.04 -4.91
N GLY A 214 -19.79 0.81 -5.60
CA GLY A 214 -21.16 1.04 -5.22
C GLY A 214 -21.31 1.84 -3.95
N GLY A 215 -20.31 2.63 -3.59
CA GLY A 215 -20.37 3.42 -2.37
C GLY A 215 -20.47 2.60 -1.10
N SER A 216 -19.89 1.40 -1.08
CA SER A 216 -20.05 0.46 0.01
C SER A 216 -18.73 0.26 0.76
N THR A 217 -18.69 -0.75 1.63
CA THR A 217 -17.49 -1.15 2.35
C THR A 217 -17.52 -2.65 2.51
N ARG A 218 -16.33 -3.25 2.68
CA ARG A 218 -16.25 -4.66 3.03
C ARG A 218 -14.87 -4.97 3.58
N SER A 219 -14.77 -6.14 4.23
CA SER A 219 -13.54 -6.65 4.80
C SER A 219 -13.06 -7.79 3.89
N ILE A 220 -11.82 -7.67 3.41
CA ILE A 220 -11.17 -8.72 2.63
C ILE A 220 -9.73 -8.87 3.13
N SER A 221 -9.03 -9.88 2.62
CA SER A 221 -7.71 -10.26 3.10
C SER A 221 -6.74 -10.42 1.94
N GLY A 222 -5.48 -10.14 2.20
CA GLY A 222 -4.43 -10.36 1.23
C GLY A 222 -3.21 -9.51 1.53
N THR A 223 -2.08 -9.87 0.91
CA THR A 223 -0.96 -8.94 0.91
C THR A 223 -1.33 -7.67 0.14
N SER A 224 -2.34 -7.74 -0.71
CA SER A 224 -2.89 -6.54 -1.35
C SER A 224 -3.40 -5.53 -0.33
N MET A 225 -3.83 -5.99 0.83
CA MET A 225 -4.38 -5.10 1.86
C MET A 225 -3.29 -4.56 2.77
N ALA A 226 -2.21 -5.33 2.94
CA ALA A 226 -1.08 -4.88 3.74
C ALA A 226 -0.31 -3.78 3.03
N THR A 227 -0.14 -3.91 1.72
CA THR A 227 0.64 -2.96 0.91
C THR A 227 0.15 -1.53 1.05
N PRO A 228 -1.14 -1.22 0.92
CA PRO A 228 -1.58 0.18 1.06
C PRO A 228 -1.45 0.72 2.48
N HIS A 229 -1.40 -0.13 3.51
CA HIS A 229 -1.07 0.39 4.84
C HIS A 229 0.32 1.00 4.80
N VAL A 230 1.28 0.29 4.19
CA VAL A 230 2.65 0.77 4.09
C VAL A 230 2.75 1.98 3.17
N ALA A 231 2.04 1.95 2.04
CA ALA A 231 2.04 3.11 1.14
C ALA A 231 1.49 4.35 1.83
N GLY A 232 0.36 4.21 2.52
CA GLY A 232 -0.19 5.34 3.25
C GLY A 232 0.72 5.80 4.38
N LEU A 233 1.37 4.86 5.06
CA LEU A 233 2.32 5.23 6.11
C LEU A 233 3.47 6.05 5.53
N ALA A 234 4.01 5.62 4.39
CA ALA A 234 5.07 6.37 3.73
C ALA A 234 4.63 7.80 3.42
N ALA A 235 3.43 7.95 2.85
CA ALA A 235 2.94 9.29 2.51
C ALA A 235 2.82 10.15 3.75
N TYR A 236 2.29 9.58 4.83
CA TYR A 236 2.14 10.25 6.11
C TYR A 236 3.51 10.71 6.64
N LEU A 237 4.50 9.84 6.60
CA LEU A 237 5.82 10.17 7.13
C LEU A 237 6.54 11.20 6.26
N MET A 238 6.33 11.12 4.94
CA MET A 238 6.91 12.12 4.05
C MET A 238 6.31 13.50 4.28
N THR A 239 5.00 13.56 4.53
CA THR A 239 4.38 14.85 4.86
C THR A 239 4.98 15.44 6.14
N LEU A 240 5.27 14.58 7.11
CA LEU A 240 5.92 15.06 8.33
C LEU A 240 7.36 15.46 8.14
N GLY A 241 7.95 15.20 6.97
CA GLY A 241 9.34 15.50 6.73
C GLY A 241 10.32 14.52 7.32
N LYS A 242 9.84 13.37 7.80
CA LYS A 242 10.73 12.42 8.48
C LYS A 242 11.55 11.59 7.52
N THR A 243 11.14 11.50 6.26
CA THR A 243 11.80 10.63 5.31
C THR A 243 11.46 11.11 3.90
N THR A 244 12.01 10.43 2.90
CA THR A 244 11.85 10.76 1.49
C THR A 244 11.48 9.50 0.73
N ALA A 245 11.11 9.68 -0.55
CA ALA A 245 10.74 8.51 -1.36
C ALA A 245 11.86 7.50 -1.43
N ALA A 246 13.11 7.96 -1.54
CA ALA A 246 14.24 7.06 -1.68
C ALA A 246 14.59 6.35 -0.38
N SER A 247 14.18 6.89 0.76
CA SER A 247 14.61 6.37 2.04
C SER A 247 13.47 5.85 2.90
N ALA A 248 12.22 5.95 2.44
CA ALA A 248 11.08 5.68 3.31
C ALA A 248 10.97 4.20 3.69
N CYS A 249 11.27 3.29 2.78
CA CYS A 249 11.22 1.87 3.12
C CYS A 249 12.20 1.54 4.25
N ARG A 250 13.43 2.03 4.13
CA ARG A 250 14.42 1.82 5.18
C ARG A 250 13.98 2.46 6.48
N TYR A 251 13.40 3.65 6.40
CA TYR A 251 12.94 4.33 7.61
C TYR A 251 11.83 3.56 8.29
N ILE A 252 10.88 3.05 7.51
CA ILE A 252 9.79 2.25 8.07
C ILE A 252 10.34 1.00 8.73
N ALA A 253 11.31 0.34 8.09
CA ALA A 253 11.95 -0.83 8.72
C ALA A 253 12.70 -0.42 9.99
N ASP A 254 13.41 0.71 9.96
CA ASP A 254 14.17 1.19 11.11
C ASP A 254 13.27 1.42 12.32
N THR A 255 12.06 1.93 12.09
CA THR A 255 11.15 2.36 13.14
C THR A 255 10.05 1.36 13.42
N ALA A 256 10.09 0.19 12.79
CA ALA A 256 9.03 -0.81 12.93
C ALA A 256 9.01 -1.42 14.32
N ASN A 257 7.87 -2.02 14.67
CA ASN A 257 7.84 -2.89 15.83
C ASN A 257 8.57 -4.18 15.45
N LYS A 258 9.55 -4.57 16.27
CA LYS A 258 10.49 -5.64 15.93
C LYS A 258 10.27 -6.86 16.82
N GLY A 259 10.24 -8.04 16.21
CA GLY A 259 10.19 -9.28 16.95
C GLY A 259 8.84 -9.64 17.51
N ASP A 260 7.76 -9.02 17.05
CA ASP A 260 6.45 -9.20 17.67
C ASP A 260 5.53 -10.14 16.91
N LEU A 261 5.90 -10.56 15.70
CA LEU A 261 5.05 -11.43 14.89
C LEU A 261 5.42 -12.89 15.10
N SER A 262 4.43 -13.76 15.04
CA SER A 262 4.64 -15.20 15.12
C SER A 262 4.54 -15.84 13.73
N ASN A 263 5.12 -17.03 13.63
CA ASN A 263 5.20 -17.79 12.37
C ASN A 263 5.96 -17.05 11.26
N ILE A 264 6.98 -16.31 11.64
CA ILE A 264 7.91 -15.70 10.69
C ILE A 264 9.00 -16.72 10.39
N PRO A 265 9.14 -17.19 9.16
CA PRO A 265 10.19 -18.18 8.86
C PRO A 265 11.57 -17.59 9.12
N PHE A 266 12.47 -18.44 9.58
CA PHE A 266 13.85 -18.04 9.80
C PHE A 266 14.40 -17.43 8.52
N GLY A 267 14.97 -16.23 8.63
CA GLY A 267 15.50 -15.52 7.48
C GLY A 267 14.59 -14.46 6.90
N THR A 268 13.35 -14.36 7.36
CA THR A 268 12.43 -13.30 6.97
C THR A 268 12.40 -12.26 8.09
N VAL A 269 12.35 -10.98 7.74
CA VAL A 269 12.30 -9.94 8.77
C VAL A 269 11.08 -10.11 9.65
N ASN A 270 11.24 -9.81 10.95
CA ASN A 270 10.14 -9.76 11.90
C ASN A 270 9.92 -8.29 12.26
N LEU A 271 9.29 -7.57 11.33
CA LEU A 271 9.13 -6.12 11.41
C LEU A 271 7.71 -5.78 11.00
N LEU A 272 7.02 -5.01 11.83
CA LEU A 272 5.63 -4.63 11.60
C LEU A 272 5.55 -3.11 11.53
N ALA A 273 4.96 -2.61 10.44
CA ALA A 273 4.89 -1.16 10.20
C ALA A 273 4.28 -0.43 11.38
N TYR A 274 4.90 0.70 11.75
CA TYR A 274 4.53 1.43 12.95
C TYR A 274 4.83 2.92 12.73
N ASN A 275 3.87 3.78 13.05
CA ASN A 275 4.03 5.20 12.76
C ASN A 275 4.78 5.98 13.83
N ASN A 276 5.06 5.37 14.97
CA ASN A 276 5.83 6.01 16.04
C ASN A 276 5.23 7.34 16.47
N TYR A 277 3.92 7.49 16.39
CA TYR A 277 3.28 8.76 16.75
C TYR A 277 3.12 8.83 18.24
N GLN A 278 3.58 9.92 18.83
CA GLN A 278 3.41 10.21 20.24
C GLN A 278 2.66 11.53 20.36
N ALA A 279 1.42 11.47 20.86
CA ALA A 279 0.62 12.68 21.05
C ALA A 279 1.22 13.55 22.17
S SO4 B . -12.27 -4.82 12.82
O1 SO4 B . -12.37 -6.05 12.03
O2 SO4 B . -11.62 -5.10 14.10
O3 SO4 B . -11.46 -3.85 12.08
O4 SO4 B . -13.60 -4.26 13.05
C4 47Y C . -8.87 -9.43 -4.90
C5 47Y C . -8.33 -10.71 -5.54
C6 47Y C . -7.75 -10.48 -6.95
N1 47Y C . -10.32 -9.45 -4.87
C7 47Y C . -6.37 -8.80 -7.89
C8 47Y C . -8.70 -8.75 -8.26
N2 47Y C . -7.67 -9.07 -7.29
C9 47Y C . -10.95 -10.10 -3.79
C10 47Y C . -12.47 -10.15 -3.71
C11 47Y C . -13.31 -10.72 -2.79
C12 47Y C . -13.43 -11.49 -1.48
N3 47Y C . -10.28 -10.63 -2.88
C2 47Y C . -13.23 -9.57 -4.71
O 47Y C . -14.56 -9.78 -4.39
C1 47Y C . -14.58 -10.47 -3.22
C 47Y C . -16.07 -10.64 -2.97
C3 47Y C . -11.10 -8.83 -5.91
N 47Y C . -12.57 -8.88 -5.85
C4 47Y D . -4.28 -11.30 -6.13
C5 47Y D . -4.65 -11.56 -4.67
C6 47Y D . -5.05 -10.22 -4.05
N1 47Y D . -2.88 -11.65 -6.35
C7 47Y D . -5.90 -11.67 -2.34
C8 47Y D . -6.46 -9.39 -2.36
N2 47Y D . -5.41 -10.34 -2.64
C9 47Y D . -1.84 -10.81 -5.85
C10 47Y D . -0.38 -11.20 -6.10
C11 47Y D . 0.79 -10.60 -5.76
C12 47Y D . 1.52 -9.46 -5.10
N3 47Y D . -2.08 -9.75 -5.23
C2 47Y D . -0.06 -12.35 -6.79
O 47Y D . 1.33 -12.44 -6.86
C1 47Y D . 1.83 -11.36 -6.21
C 47Y D . 3.34 -11.48 -6.31
C3 47Y D . -2.54 -12.87 -7.06
N 47Y D . -1.14 -13.22 -7.30
#